data_8ENJ
#
_entry.id   8ENJ
#
_cell.length_a   51.670
_cell.length_b   71.840
_cell.length_c   107.230
_cell.angle_alpha   90.000
_cell.angle_beta   90.000
_cell.angle_gamma   90.000
#
_symmetry.space_group_name_H-M   'P 21 21 21'
#
loop_
_entity.id
_entity.type
_entity.pdbx_description
1 polymer 'Mitogen-activated protein kinase 10'
2 non-polymer N-[3-({(4P)-4-[(3M)-1-tert-butyl-3-(3-hydroxyphenyl)-1H-pyrazol-4-yl]pyridin-2-yl}amino)propyl]-4-hydroxybenzene-1-sulfonamide
#
_entity_poly.entity_id   1
_entity_poly.type   'polypeptide(L)'
_entity_poly.pdbx_seq_one_letter_code
;MSLHFLYYCSEPTLDVKIAFCQGFDKQVDVSYIAKHYNMSKSKVDNQFYSVEVGDSTFTVLKRYQNLKPIGSGAQGIVCA
AYDAVLDRNVAIKKLSRPFQNQTHAKRAYRELVLMKCVNHKNIISLLNVFTPQKTLEEFQDVYLVMELMDANLCQVIQME
LDHERMSYLLYQMLCGIKHLHSAGIIHRDLKPSNIVVKSDCTLKILDFGLARTAGTSFMMTPYVVTRYYRAPEVILGMGY
KENVDIWSVGCIMGEMVRHKILFPGRDYIDQWNKVIEQLGTPCPEFMKKLQPTVRNYVENRPKYAGLTFPKLFPDSLFPA
DSEHNKLKASQARDLLSKMLVIDPAKRISVDDALQHPYINVWYDPAEVEAPPPQIYDKQLDEREHTIEEWKELIYKEVMN
SEEKTKNGVVKGQPSPSGAAVNSSESLPPSSSVNDISSMSTDQTLASDTDSSLEASAGPLGCCR
;
_entity_poly.pdbx_strand_id   A
#
loop_
_chem_comp.id
_chem_comp.type
_chem_comp.name
_chem_comp.formula
WNK non-polymer N-[3-({(4P)-4-[(3M)-1-tert-butyl-3-(3-hydroxyphenyl)-1H-pyrazol-4-yl]pyridin-2-yl}amino)propyl]-4-hydroxybenzene-1-sulfonamide 'C27 H31 N5 O4 S'
#
# COMPACT_ATOMS: atom_id res chain seq x y z
N ASP A 45 -9.74 26.93 -28.73
CA ASP A 45 -8.48 27.13 -28.04
C ASP A 45 -8.56 26.59 -26.61
N ASN A 46 -9.40 25.59 -26.42
CA ASN A 46 -9.50 24.93 -25.12
C ASN A 46 -8.13 24.36 -24.74
N GLN A 47 -7.71 24.63 -23.50
CA GLN A 47 -6.42 24.14 -23.04
C GLN A 47 -6.43 22.63 -22.80
N PHE A 48 -7.61 22.04 -22.68
CA PHE A 48 -7.76 20.60 -22.54
C PHE A 48 -8.03 19.96 -23.90
N TYR A 49 -7.76 18.66 -23.98
CA TYR A 49 -8.09 17.87 -25.17
C TYR A 49 -8.48 16.47 -24.74
N SER A 50 -9.42 15.89 -25.48
CA SER A 50 -10.03 14.62 -25.12
C SER A 50 -9.45 13.50 -25.96
N VAL A 51 -9.02 12.42 -25.29
CA VAL A 51 -8.57 11.20 -25.95
C VAL A 51 -9.15 10.02 -25.20
N GLU A 52 -9.39 8.94 -25.94
CA GLU A 52 -9.98 7.73 -25.36
C GLU A 52 -8.88 6.68 -25.20
N VAL A 53 -8.58 6.36 -23.95
CA VAL A 53 -7.63 5.30 -23.60
C VAL A 53 -8.40 4.22 -22.86
N GLY A 54 -8.32 2.99 -23.36
CA GLY A 54 -9.23 1.98 -22.86
C GLY A 54 -10.65 2.34 -23.29
N ASP A 55 -11.60 1.82 -22.52
CA ASP A 55 -13.01 2.09 -22.81
C ASP A 55 -13.35 3.55 -22.51
N SER A 56 -12.86 4.09 -21.40
CA SER A 56 -13.22 5.43 -20.98
C SER A 56 -12.42 6.49 -21.73
N THR A 57 -13.00 7.67 -21.84
CA THR A 57 -12.36 8.81 -22.48
C THR A 57 -11.60 9.63 -21.45
N PHE A 58 -10.41 10.09 -21.84
CA PHE A 58 -9.55 10.91 -21.01
C PHE A 58 -9.49 12.32 -21.58
N THR A 59 -9.82 13.31 -20.76
CA THR A 59 -9.72 14.72 -21.13
C THR A 59 -8.59 15.33 -20.30
N VAL A 60 -7.51 15.74 -20.98
CA VAL A 60 -6.30 16.19 -20.32
C VAL A 60 -5.82 17.48 -20.96
N LEU A 61 -5.01 18.23 -20.19
CA LEU A 61 -4.41 19.45 -20.68
C LEU A 61 -3.50 19.15 -21.88
N LYS A 62 -3.29 20.17 -22.71
CA LYS A 62 -2.46 20.02 -23.89
C LYS A 62 -1.05 19.56 -23.55
N ARG A 63 -0.54 19.94 -22.38
CA ARG A 63 0.85 19.65 -22.02
C ARG A 63 1.13 18.16 -22.00
N TYR A 64 0.12 17.34 -21.70
CA TYR A 64 0.30 15.90 -21.60
C TYR A 64 0.04 15.25 -22.94
N GLN A 65 0.94 14.37 -23.35
CA GLN A 65 0.98 13.87 -24.72
C GLN A 65 1.20 12.36 -24.75
N ASN A 66 0.69 11.73 -25.80
CA ASN A 66 0.92 10.30 -26.05
C ASN A 66 0.47 9.45 -24.87
N LEU A 67 -0.79 9.64 -24.46
CA LEU A 67 -1.31 8.90 -23.33
C LEU A 67 -1.41 7.42 -23.64
N LYS A 68 -1.04 6.58 -22.67
CA LYS A 68 -1.13 5.13 -22.78
C LYS A 68 -1.48 4.59 -21.39
N PRO A 69 -2.34 3.58 -21.31
CA PRO A 69 -2.81 3.09 -20.00
C PRO A 69 -1.80 2.15 -19.36
N ILE A 70 -1.23 2.59 -18.25
CA ILE A 70 -0.31 1.73 -17.51
C ILE A 70 -1.07 0.76 -16.62
N GLY A 71 -2.21 1.17 -16.09
CA GLY A 71 -2.99 0.30 -15.23
C GLY A 71 -4.35 0.90 -14.96
N SER A 72 -5.19 0.12 -14.31
CA SER A 72 -6.54 0.53 -13.96
C SER A 72 -6.80 0.23 -12.49
N GLY A 73 -7.31 1.23 -11.77
CA GLY A 73 -7.63 1.06 -10.36
C GLY A 73 -9.08 1.44 -10.09
N ALA A 74 -9.56 0.99 -8.94
CA ALA A 74 -10.94 1.28 -8.55
C ALA A 74 -11.23 2.78 -8.56
N GLN A 75 -10.44 3.55 -7.80
CA GLN A 75 -10.66 4.99 -7.75
C GLN A 75 -10.66 5.60 -9.14
N GLY A 76 -9.74 5.17 -10.00
CA GLY A 76 -9.69 5.70 -11.34
C GLY A 76 -8.67 4.98 -12.17
N ILE A 77 -8.76 5.21 -13.48
CA ILE A 77 -7.81 4.64 -14.43
C ILE A 77 -6.55 5.50 -14.48
N VAL A 78 -5.42 4.86 -14.72
CA VAL A 78 -4.13 5.53 -14.76
C VAL A 78 -3.54 5.39 -16.16
N CYS A 79 -2.98 6.48 -16.67
CA CYS A 79 -2.33 6.50 -17.97
C CYS A 79 -0.93 7.08 -17.84
N ALA A 80 0.00 6.54 -18.62
CA ALA A 80 1.31 7.14 -18.75
C ALA A 80 1.26 8.25 -19.79
N ALA A 81 2.02 9.32 -19.55
CA ALA A 81 1.96 10.47 -20.42
C ALA A 81 3.29 11.21 -20.37
N TYR A 82 3.51 12.06 -21.37
CA TYR A 82 4.66 12.95 -21.44
C TYR A 82 4.21 14.38 -21.25
N ASP A 83 4.96 15.15 -20.45
CA ASP A 83 4.67 16.54 -20.19
C ASP A 83 5.60 17.40 -21.03
N ALA A 84 5.02 18.19 -21.95
CA ALA A 84 5.85 19.08 -22.75
C ALA A 84 6.47 20.19 -21.91
N VAL A 85 5.74 20.65 -20.89
CA VAL A 85 6.27 21.70 -20.02
C VAL A 85 7.35 21.13 -19.10
N LEU A 86 7.13 19.92 -18.59
CA LEU A 86 8.08 19.33 -17.66
C LEU A 86 9.27 18.69 -18.37
N ASP A 87 9.07 18.20 -19.59
CA ASP A 87 10.08 17.43 -20.32
C ASP A 87 10.34 16.07 -19.67
N ARG A 88 9.42 15.63 -18.83
CA ARG A 88 9.53 14.36 -18.12
C ARG A 88 8.23 13.59 -18.27
N ASN A 89 8.34 12.27 -18.28
CA ASN A 89 7.18 11.40 -18.36
C ASN A 89 6.44 11.38 -17.02
N VAL A 90 5.11 11.32 -17.09
CA VAL A 90 4.25 11.41 -15.93
C VAL A 90 3.13 10.40 -16.03
N ALA A 91 2.50 10.11 -14.89
CA ALA A 91 1.36 9.22 -14.80
C ALA A 91 0.14 10.02 -14.37
N ILE A 92 -0.97 9.85 -15.07
CA ILE A 92 -2.19 10.60 -14.84
C ILE A 92 -3.29 9.63 -14.44
N LYS A 93 -3.83 9.81 -13.24
CA LYS A 93 -4.92 9.00 -12.72
C LYS A 93 -6.21 9.81 -12.74
N LYS A 94 -7.26 9.25 -13.34
CA LYS A 94 -8.54 9.93 -13.50
C LYS A 94 -9.54 9.38 -12.48
N LEU A 95 -9.97 10.25 -11.56
CA LEU A 95 -11.07 9.98 -10.64
C LEU A 95 -12.38 10.44 -11.27
N SER A 96 -13.25 9.49 -11.62
CA SER A 96 -14.55 9.80 -12.20
C SER A 96 -15.64 9.74 -11.13
N ARG A 97 -16.43 10.81 -11.02
CA ARG A 97 -17.49 10.92 -10.04
C ARG A 97 -17.03 10.53 -8.65
N PRO A 98 -15.97 11.15 -8.12
CA PRO A 98 -15.59 10.89 -6.71
C PRO A 98 -16.67 11.28 -5.74
N PHE A 99 -17.62 12.13 -6.15
CA PHE A 99 -18.68 12.57 -5.26
C PHE A 99 -19.87 11.63 -5.22
N GLN A 100 -20.01 10.75 -6.22
CA GLN A 100 -21.22 9.94 -6.33
C GLN A 100 -21.37 8.96 -5.18
N ASN A 101 -20.26 8.46 -4.64
CA ASN A 101 -20.28 7.52 -3.53
C ASN A 101 -19.56 8.14 -2.34
N GLN A 102 -20.19 8.08 -1.17
CA GLN A 102 -19.58 8.66 0.02
C GLN A 102 -18.23 8.04 0.33
N THR A 103 -18.10 6.72 0.12
CA THR A 103 -16.81 6.07 0.32
C THR A 103 -15.78 6.59 -0.69
N HIS A 104 -16.18 6.73 -1.96
CA HIS A 104 -15.31 7.36 -2.93
C HIS A 104 -14.98 8.79 -2.55
N ALA A 105 -15.98 9.53 -2.07
CA ALA A 105 -15.76 10.93 -1.74
C ALA A 105 -14.77 11.09 -0.58
N LYS A 106 -14.88 10.23 0.44
CA LYS A 106 -13.96 10.34 1.57
C LYS A 106 -12.54 9.99 1.14
N ARG A 107 -12.37 8.97 0.31
CA ARG A 107 -11.03 8.63 -0.17
C ARG A 107 -10.49 9.72 -1.08
N ALA A 108 -11.30 10.21 -2.01
CA ALA A 108 -10.83 11.23 -2.94
C ALA A 108 -10.42 12.49 -2.21
N TYR A 109 -11.26 12.96 -1.28
CA TYR A 109 -10.92 14.18 -0.54
C TYR A 109 -9.66 13.99 0.28
N ARG A 110 -9.49 12.82 0.89
CA ARG A 110 -8.31 12.56 1.72
C ARG A 110 -7.05 12.50 0.85
N GLU A 111 -7.12 11.83 -0.29
CA GLU A 111 -5.96 11.72 -1.17
C GLU A 111 -5.48 13.09 -1.62
N LEU A 112 -6.40 13.96 -2.03
CA LEU A 112 -6.02 15.27 -2.54
C LEU A 112 -5.34 16.11 -1.47
N VAL A 113 -5.89 16.12 -0.26
CA VAL A 113 -5.32 16.96 0.80
C VAL A 113 -3.98 16.40 1.26
N LEU A 114 -3.84 15.07 1.29
CA LEU A 114 -2.63 14.47 1.87
C LEU A 114 -1.44 14.61 0.92
N MET A 115 -1.64 14.35 -0.37
CA MET A 115 -0.55 14.50 -1.33
C MET A 115 0.02 15.92 -1.30
N LYS A 116 -0.80 16.91 -1.00
CA LYS A 116 -0.31 18.28 -0.96
C LYS A 116 0.39 18.58 0.36
N CYS A 117 -0.20 18.17 1.47
CA CYS A 117 0.32 18.58 2.77
C CYS A 117 1.56 17.80 3.16
N VAL A 118 1.69 16.55 2.70
CA VAL A 118 2.82 15.69 3.06
C VAL A 118 3.68 15.48 1.82
N ASN A 119 4.99 15.61 2.00
CA ASN A 119 5.96 15.37 0.95
C ASN A 119 7.10 14.55 1.52
N HIS A 120 7.40 13.41 0.89
CA HIS A 120 8.48 12.56 1.32
C HIS A 120 9.00 11.77 0.13
N LYS A 121 10.31 11.49 0.15
CA LYS A 121 10.96 10.80 -0.95
C LYS A 121 10.30 9.46 -1.27
N ASN A 122 9.77 8.77 -0.26
CA ASN A 122 9.16 7.47 -0.44
C ASN A 122 7.64 7.52 -0.53
N ILE A 123 7.06 8.71 -0.62
CA ILE A 123 5.62 8.87 -0.76
C ILE A 123 5.36 9.62 -2.06
N ILE A 124 4.60 8.99 -2.97
CA ILE A 124 4.35 9.59 -4.26
C ILE A 124 3.71 10.96 -4.07
N SER A 125 4.20 11.94 -4.81
CA SER A 125 3.67 13.28 -4.78
C SER A 125 3.01 13.62 -6.11
N LEU A 126 2.02 14.49 -6.06
CA LEU A 126 1.30 14.91 -7.25
C LEU A 126 1.97 16.16 -7.82
N LEU A 127 2.34 16.07 -9.11
CA LEU A 127 2.91 17.24 -9.78
C LEU A 127 1.83 18.26 -10.11
N ASN A 128 0.63 17.80 -10.44
CA ASN A 128 -0.43 18.68 -10.89
C ASN A 128 -1.76 17.95 -10.76
N VAL A 129 -2.80 18.72 -10.46
CA VAL A 129 -4.18 18.23 -10.44
C VAL A 129 -5.05 19.19 -11.22
N PHE A 130 -5.86 18.65 -12.13
CA PHE A 130 -6.70 19.49 -12.97
C PHE A 130 -8.05 18.81 -13.16
N THR A 131 -9.06 19.63 -13.45
CA THR A 131 -10.33 19.15 -13.93
C THR A 131 -10.69 19.88 -15.22
N PRO A 132 -11.18 19.17 -16.24
CA PRO A 132 -11.58 19.87 -17.47
C PRO A 132 -12.81 20.73 -17.29
N GLN A 133 -13.65 20.42 -16.31
CA GLN A 133 -14.88 21.18 -16.11
C GLN A 133 -14.57 22.55 -15.53
N LYS A 134 -15.47 23.50 -15.81
CA LYS A 134 -15.20 24.90 -15.51
C LYS A 134 -16.01 25.46 -14.35
N THR A 135 -17.00 24.73 -13.84
CA THR A 135 -17.82 25.20 -12.74
C THR A 135 -18.14 24.05 -11.80
N LEU A 136 -18.61 24.41 -10.60
CA LEU A 136 -18.94 23.40 -9.60
C LEU A 136 -20.06 22.49 -10.08
N GLU A 137 -21.05 23.05 -10.78
CA GLU A 137 -22.14 22.24 -11.30
C GLU A 137 -21.70 21.40 -12.48
N GLU A 138 -20.74 21.89 -13.27
CA GLU A 138 -20.27 21.12 -14.41
C GLU A 138 -19.31 20.02 -14.00
N PHE A 139 -18.61 20.20 -12.89
CA PHE A 139 -17.52 19.31 -12.51
C PHE A 139 -17.99 17.87 -12.32
N GLN A 140 -17.23 16.93 -12.89
CA GLN A 140 -17.58 15.51 -12.81
C GLN A 140 -16.36 14.64 -12.55
N ASP A 141 -15.22 14.98 -13.15
CA ASP A 141 -14.02 14.16 -13.06
C ASP A 141 -12.83 14.98 -12.58
N VAL A 142 -11.94 14.33 -11.84
CA VAL A 142 -10.70 14.93 -11.36
C VAL A 142 -9.53 14.13 -11.90
N TYR A 143 -8.50 14.83 -12.36
CA TYR A 143 -7.31 14.21 -12.91
C TYR A 143 -6.12 14.54 -12.03
N LEU A 144 -5.46 13.50 -11.52
CA LEU A 144 -4.26 13.64 -10.72
C LEU A 144 -3.05 13.19 -11.52
N VAL A 145 -2.04 14.06 -11.60
CA VAL A 145 -0.82 13.80 -12.36
C VAL A 145 0.34 13.69 -11.37
N MET A 146 1.15 12.65 -11.53
CA MET A 146 2.29 12.40 -10.65
C MET A 146 3.45 11.85 -11.48
N GLU A 147 4.55 11.51 -10.80
CA GLU A 147 5.73 10.99 -11.46
C GLU A 147 5.52 9.55 -11.91
N LEU A 148 5.94 9.25 -13.13
CA LEU A 148 5.75 7.91 -13.68
C LEU A 148 6.77 6.95 -13.08
N MET A 149 6.28 5.84 -12.55
CA MET A 149 7.13 4.78 -12.04
C MET A 149 7.26 3.68 -13.09
N ASP A 150 8.40 3.00 -13.08
CA ASP A 150 8.69 2.03 -14.13
C ASP A 150 7.93 0.73 -13.93
N ALA A 151 7.74 0.30 -12.68
CA ALA A 151 7.15 -1.00 -12.43
C ALA A 151 6.36 -0.97 -11.12
N ASN A 152 5.53 -1.98 -10.95
CA ASN A 152 4.77 -2.18 -9.73
C ASN A 152 5.56 -3.07 -8.77
N LEU A 153 5.30 -2.90 -7.47
CA LEU A 153 6.01 -3.71 -6.48
C LEU A 153 5.74 -5.19 -6.67
N CYS A 154 4.52 -5.55 -7.07
CA CYS A 154 4.21 -6.95 -7.33
C CYS A 154 5.21 -7.55 -8.32
N GLN A 155 5.60 -6.77 -9.34
CA GLN A 155 6.54 -7.27 -10.33
C GLN A 155 7.91 -7.53 -9.70
N VAL A 156 8.34 -6.65 -8.80
CA VAL A 156 9.63 -6.86 -8.14
C VAL A 156 9.59 -8.14 -7.32
N ILE A 157 8.47 -8.40 -6.64
CA ILE A 157 8.35 -9.62 -5.85
C ILE A 157 8.57 -10.86 -6.70
N GLN A 158 8.10 -10.82 -7.95
CA GLN A 158 8.18 -12.01 -8.80
C GLN A 158 9.63 -12.36 -9.11
N MET A 159 10.47 -11.36 -9.37
CA MET A 159 11.86 -11.63 -9.69
C MET A 159 12.61 -12.12 -8.45
N GLU A 160 13.69 -12.86 -8.69
CA GLU A 160 14.59 -13.24 -7.61
C GLU A 160 15.54 -12.07 -7.31
N LEU A 161 15.58 -11.65 -6.05
CA LEU A 161 16.22 -10.42 -5.66
C LEU A 161 17.44 -10.68 -4.79
N ASP A 162 18.42 -9.77 -4.89
CA ASP A 162 19.58 -9.79 -4.01
C ASP A 162 19.25 -9.08 -2.70
N HIS A 163 19.98 -9.44 -1.65
CA HIS A 163 19.69 -8.91 -0.33
C HIS A 163 19.78 -7.40 -0.30
N GLU A 164 20.79 -6.82 -0.96
CA GLU A 164 20.98 -5.38 -0.90
C GLU A 164 19.78 -4.62 -1.48
N ARG A 165 19.35 -5.03 -2.68
CA ARG A 165 18.16 -4.42 -3.28
C ARG A 165 16.92 -4.66 -2.42
N MET A 166 16.80 -5.86 -1.87
CA MET A 166 15.66 -6.16 -1.00
C MET A 166 15.70 -5.32 0.26
N SER A 167 16.84 -5.31 0.95
CA SER A 167 16.97 -4.49 2.14
C SER A 167 16.75 -3.02 1.84
N TYR A 168 17.11 -2.56 0.64
CA TYR A 168 16.92 -1.17 0.28
C TYR A 168 15.44 -0.85 0.10
N LEU A 169 14.72 -1.71 -0.64
CA LEU A 169 13.28 -1.49 -0.83
C LEU A 169 12.56 -1.49 0.51
N LEU A 170 12.82 -2.50 1.35
CA LEU A 170 12.22 -2.54 2.68
C LEU A 170 12.58 -1.30 3.49
N TYR A 171 13.86 -0.92 3.48
CA TYR A 171 14.28 0.32 4.16
C TYR A 171 13.41 1.49 3.74
N GLN A 172 13.18 1.65 2.44
CA GLN A 172 12.35 2.75 1.96
C GLN A 172 10.91 2.58 2.44
N MET A 173 10.42 1.35 2.49
CA MET A 173 9.08 1.12 3.01
C MET A 173 8.95 1.60 4.44
N LEU A 174 9.97 1.36 5.26
CA LEU A 174 9.93 1.81 6.65
C LEU A 174 10.04 3.34 6.73
N CYS A 175 10.84 3.95 5.86
CA CYS A 175 11.02 5.39 5.89
C CYS A 175 9.70 6.09 5.58
N GLY A 176 9.02 5.69 4.52
CA GLY A 176 7.72 6.28 4.21
C GLY A 176 6.72 6.06 5.33
N ILE A 177 6.62 4.82 5.82
CA ILE A 177 5.73 4.54 6.93
C ILE A 177 6.08 5.38 8.14
N LYS A 178 7.38 5.53 8.42
CA LYS A 178 7.77 6.37 9.56
C LYS A 178 7.30 7.80 9.36
N HIS A 179 7.46 8.33 8.13
CA HIS A 179 6.94 9.66 7.84
C HIS A 179 5.43 9.72 8.01
N LEU A 180 4.72 8.70 7.52
CA LEU A 180 3.27 8.66 7.69
C LEU A 180 2.88 8.68 9.16
N HIS A 181 3.51 7.81 9.96
CA HIS A 181 3.21 7.81 11.39
C HIS A 181 3.56 9.13 12.04
N SER A 182 4.61 9.80 11.55
CA SER A 182 4.94 11.12 12.06
C SER A 182 3.82 12.11 11.75
N ALA A 183 3.19 11.97 10.59
CA ALA A 183 2.06 12.80 10.21
C ALA A 183 0.79 12.43 10.94
N GLY A 184 0.80 11.37 11.75
CA GLY A 184 -0.37 10.93 12.48
C GLY A 184 -1.25 9.96 11.74
N ILE A 185 -0.85 9.51 10.54
CA ILE A 185 -1.66 8.63 9.71
C ILE A 185 -1.02 7.26 9.70
N ILE A 186 -1.82 6.24 9.99
CA ILE A 186 -1.38 4.85 9.93
C ILE A 186 -2.05 4.22 8.70
N HIS A 187 -1.24 3.73 7.77
CA HIS A 187 -1.80 3.27 6.50
C HIS A 187 -2.90 2.21 6.73
N ARG A 188 -2.59 1.16 7.53
CA ARG A 188 -3.37 -0.04 7.85
C ARG A 188 -3.72 -0.91 6.65
N ASP A 189 -3.12 -0.70 5.51
CA ASP A 189 -3.52 -1.48 4.33
C ASP A 189 -2.48 -1.32 3.25
N LEU A 190 -1.22 -1.51 3.65
CA LEU A 190 -0.13 -1.53 2.69
C LEU A 190 -0.26 -2.76 1.79
N LYS A 191 -0.13 -2.55 0.48
CA LYS A 191 -0.24 -3.61 -0.51
C LYS A 191 0.84 -3.44 -1.55
N PRO A 192 1.33 -4.53 -2.12
CA PRO A 192 2.35 -4.39 -3.17
C PRO A 192 1.92 -3.53 -4.33
N SER A 193 0.68 -3.70 -4.81
CA SER A 193 0.21 -2.91 -5.95
C SER A 193 0.26 -1.42 -5.66
N ASN A 194 0.05 -1.02 -4.41
CA ASN A 194 0.10 0.39 -4.04
C ASN A 194 1.52 0.91 -3.90
N ILE A 195 2.52 0.03 -3.93
CA ILE A 195 3.92 0.41 -3.85
C ILE A 195 4.51 0.33 -5.25
N VAL A 196 4.97 1.46 -5.77
CA VAL A 196 5.56 1.55 -7.10
C VAL A 196 7.07 1.66 -6.96
N VAL A 197 7.79 1.03 -7.88
CA VAL A 197 9.24 0.99 -7.84
C VAL A 197 9.80 1.51 -9.16
N LYS A 198 11.00 2.06 -9.09
CA LYS A 198 11.70 2.58 -10.26
C LYS A 198 12.86 1.66 -10.63
N SER A 199 13.35 1.84 -11.86
CA SER A 199 14.46 1.01 -12.32
C SER A 199 15.68 1.14 -11.41
N ASP A 200 15.90 2.33 -10.85
CA ASP A 200 17.05 2.54 -9.99
C ASP A 200 16.88 1.96 -8.60
N CYS A 201 15.68 1.45 -8.29
CA CYS A 201 15.38 0.76 -7.02
C CYS A 201 14.70 1.68 -6.02
N THR A 202 14.37 2.90 -6.43
CA THR A 202 13.66 3.80 -5.54
C THR A 202 12.21 3.37 -5.41
N LEU A 203 11.68 3.47 -4.20
CA LEU A 203 10.35 2.97 -3.87
C LEU A 203 9.47 4.11 -3.39
N LYS A 204 8.21 4.09 -3.80
CA LYS A 204 7.24 5.11 -3.43
C LYS A 204 5.89 4.47 -3.17
N ILE A 205 5.20 4.96 -2.15
CA ILE A 205 3.87 4.48 -1.77
C ILE A 205 2.83 5.33 -2.46
N LEU A 206 1.78 4.68 -2.97
CA LEU A 206 0.79 5.34 -3.80
C LEU A 206 -0.35 5.96 -2.98
N ASP A 207 -0.80 5.28 -1.93
CA ASP A 207 -1.97 5.67 -1.19
C ASP A 207 -1.62 5.91 0.29
N PHE A 208 -2.57 6.50 1.01
CA PHE A 208 -2.42 6.80 2.42
C PHE A 208 -3.18 5.83 3.31
N GLY A 209 -3.85 4.84 2.72
CA GLY A 209 -4.43 3.75 3.49
C GLY A 209 -5.85 4.01 3.93
N LEU A 210 -6.36 3.03 4.67
CA LEU A 210 -7.72 3.10 5.18
C LEU A 210 -7.90 4.32 6.09
N ALA A 211 -9.16 4.67 6.31
CA ALA A 211 -9.48 5.82 7.16
C ALA A 211 -9.83 5.36 8.57
N SER A 217 -19.13 1.33 5.10
CA SER A 217 -18.13 1.43 4.05
C SER A 217 -18.57 0.66 2.81
N PHE A 218 -19.85 0.76 2.50
CA PHE A 218 -20.42 0.00 1.38
C PHE A 218 -20.01 0.62 0.05
N MET A 219 -19.43 -0.20 -0.82
CA MET A 219 -19.21 0.15 -2.21
C MET A 219 -19.90 -0.88 -3.09
N MET A 220 -20.28 -0.46 -4.30
CA MET A 220 -21.14 -1.26 -5.18
C MET A 220 -20.48 -1.41 -6.56
N THR A 221 -19.44 -2.25 -6.62
CA THR A 221 -18.73 -2.44 -7.88
C THR A 221 -18.24 -3.88 -8.00
N PRO A 222 -17.71 -4.28 -9.15
CA PRO A 222 -17.13 -5.62 -9.26
C PRO A 222 -15.74 -5.75 -8.65
N TYR A 223 -15.02 -4.64 -8.49
CA TYR A 223 -13.67 -4.71 -7.96
C TYR A 223 -13.68 -5.28 -6.54
N VAL A 224 -12.62 -6.01 -6.21
CA VAL A 224 -12.50 -6.70 -4.93
C VAL A 224 -11.25 -6.22 -4.22
N VAL A 225 -11.39 -5.89 -2.94
CA VAL A 225 -10.25 -5.43 -2.15
C VAL A 225 -9.25 -6.56 -1.98
N THR A 226 -7.98 -6.20 -1.79
CA THR A 226 -6.90 -7.15 -1.53
C THR A 226 -6.53 -7.04 -0.05
N ARG A 227 -6.92 -8.04 0.73
CA ARG A 227 -6.79 -7.99 2.18
C ARG A 227 -5.67 -8.87 2.73
N TYR A 228 -4.89 -9.49 1.85
CA TYR A 228 -3.86 -10.44 2.32
C TYR A 228 -2.88 -9.79 3.28
N TYR A 229 -2.64 -8.49 3.14
CA TYR A 229 -1.57 -7.81 3.86
C TYR A 229 -2.08 -7.03 5.07
N ARG A 230 -3.31 -7.30 5.52
CA ARG A 230 -3.84 -6.67 6.71
C ARG A 230 -3.41 -7.43 7.95
N ALA A 231 -3.24 -6.70 9.05
CA ALA A 231 -2.72 -7.28 10.28
C ALA A 231 -3.83 -8.03 11.01
N PRO A 232 -3.48 -8.81 12.04
CA PRO A 232 -4.52 -9.48 12.81
C PRO A 232 -5.41 -8.50 13.56
N GLU A 233 -4.84 -7.41 14.07
CA GLU A 233 -5.67 -6.40 14.73
C GLU A 233 -6.69 -5.81 13.77
N VAL A 234 -6.38 -5.78 12.47
CA VAL A 234 -7.34 -5.34 11.47
C VAL A 234 -8.29 -6.47 11.11
N ILE A 235 -7.73 -7.67 10.87
CA ILE A 235 -8.56 -8.82 10.53
C ILE A 235 -9.60 -9.07 11.63
N LEU A 236 -9.21 -8.90 12.89
CA LEU A 236 -10.09 -9.16 14.02
C LEU A 236 -10.75 -7.90 14.57
N GLY A 237 -10.58 -6.75 13.90
CA GLY A 237 -11.14 -5.51 14.39
C GLY A 237 -10.83 -5.30 15.86
N MET A 238 -9.60 -4.91 16.16
CA MET A 238 -9.06 -5.03 17.51
C MET A 238 -8.60 -3.72 18.13
N GLY A 239 -8.59 -2.63 17.38
CA GLY A 239 -7.89 -1.44 17.81
C GLY A 239 -6.43 -1.58 17.44
N TYR A 240 -5.86 -0.55 16.81
CA TYR A 240 -4.56 -0.68 16.17
C TYR A 240 -3.52 0.22 16.84
N LYS A 241 -2.39 0.37 16.15
CA LYS A 241 -1.26 1.15 16.62
C LYS A 241 -0.30 1.27 15.44
N GLU A 242 0.74 2.08 15.62
CA GLU A 242 1.67 2.36 14.53
C GLU A 242 2.15 1.08 13.86
N ASN A 243 2.56 0.10 14.67
CA ASN A 243 3.23 -1.09 14.16
C ASN A 243 2.25 -2.06 13.53
N VAL A 244 1.04 -1.61 13.24
CA VAL A 244 0.12 -2.39 12.44
C VAL A 244 0.60 -2.50 11.00
N ASP A 245 1.37 -1.53 10.52
CA ASP A 245 1.88 -1.57 9.16
C ASP A 245 3.12 -2.47 9.04
N ILE A 246 3.83 -2.72 10.14
CA ILE A 246 4.97 -3.63 10.08
C ILE A 246 4.53 -5.00 9.61
N TRP A 247 3.33 -5.42 10.01
CA TRP A 247 2.79 -6.70 9.55
C TRP A 247 2.70 -6.73 8.03
N SER A 248 2.25 -5.63 7.42
CA SER A 248 2.18 -5.57 5.97
C SER A 248 3.58 -5.67 5.35
N VAL A 249 4.53 -4.90 5.87
CA VAL A 249 5.91 -5.04 5.44
C VAL A 249 6.37 -6.49 5.62
N GLY A 250 5.87 -7.16 6.66
CA GLY A 250 6.22 -8.55 6.86
C GLY A 250 5.67 -9.45 5.76
N CYS A 251 4.37 -9.29 5.46
CA CYS A 251 3.78 -10.07 4.39
C CYS A 251 4.48 -9.83 3.06
N ILE A 252 4.96 -8.61 2.82
CA ILE A 252 5.64 -8.30 1.58
C ILE A 252 7.04 -8.91 1.56
N MET A 253 7.82 -8.65 2.61
CA MET A 253 9.16 -9.25 2.69
C MET A 253 9.08 -10.77 2.60
N GLY A 254 8.07 -11.36 3.26
CA GLY A 254 7.91 -12.80 3.18
C GLY A 254 7.49 -13.28 1.80
N GLU A 255 6.73 -12.47 1.07
CA GLU A 255 6.32 -12.88 -0.27
C GLU A 255 7.46 -12.75 -1.27
N MET A 256 8.35 -11.77 -1.06
CA MET A 256 9.53 -11.65 -1.91
C MET A 256 10.40 -12.90 -1.80
N VAL A 257 10.59 -13.40 -0.58
CA VAL A 257 11.37 -14.63 -0.37
C VAL A 257 10.60 -15.83 -0.88
N ARG A 258 9.41 -16.06 -0.34
CA ARG A 258 8.63 -17.24 -0.70
C ARG A 258 8.08 -17.19 -2.12
N HIS A 259 7.92 -15.98 -2.68
CA HIS A 259 7.35 -15.79 -4.01
C HIS A 259 5.90 -16.26 -4.08
N LYS A 260 5.23 -16.30 -2.95
CA LYS A 260 3.80 -16.55 -2.87
C LYS A 260 3.22 -15.70 -1.76
N ILE A 261 1.91 -15.45 -1.83
CA ILE A 261 1.23 -14.69 -0.79
C ILE A 261 1.23 -15.50 0.49
N LEU A 262 1.74 -14.91 1.57
CA LEU A 262 1.92 -15.67 2.81
C LEU A 262 0.58 -16.12 3.38
N PHE A 263 -0.40 -15.23 3.45
CA PHE A 263 -1.69 -15.51 4.07
C PHE A 263 -2.80 -15.13 3.10
N PRO A 264 -3.00 -15.93 2.04
CA PRO A 264 -4.07 -15.63 1.09
C PRO A 264 -5.38 -16.31 1.47
N GLY A 265 -6.46 -15.54 1.53
CA GLY A 265 -7.75 -16.10 1.88
C GLY A 265 -8.92 -15.34 1.27
N ARG A 266 -9.93 -16.08 0.82
CA ARG A 266 -11.12 -15.45 0.26
C ARG A 266 -11.80 -14.54 1.27
N ASP A 267 -11.76 -14.89 2.54
CA ASP A 267 -12.38 -14.11 3.61
C ASP A 267 -11.38 -13.91 4.74
N TYR A 268 -11.74 -13.03 5.68
CA TYR A 268 -10.90 -12.82 6.85
C TYR A 268 -10.76 -14.10 7.66
N ILE A 269 -11.84 -14.89 7.74
CA ILE A 269 -11.77 -16.17 8.44
C ILE A 269 -10.78 -17.11 7.76
N ASP A 270 -10.94 -17.28 6.44
CA ASP A 270 -9.96 -18.07 5.69
C ASP A 270 -8.55 -17.56 5.92
N GLN A 271 -8.35 -16.24 5.83
CA GLN A 271 -7.03 -15.68 6.02
C GLN A 271 -6.53 -15.91 7.44
N TRP A 272 -7.42 -15.77 8.43
CA TRP A 272 -7.02 -16.02 9.81
C TRP A 272 -6.59 -17.47 10.00
N ASN A 273 -7.27 -18.40 9.30
CA ASN A 273 -6.82 -19.78 9.34
C ASN A 273 -5.42 -19.92 8.75
N LYS A 274 -5.15 -19.20 7.66
CA LYS A 274 -3.83 -19.26 7.05
C LYS A 274 -2.76 -18.69 7.97
N VAL A 275 -3.08 -17.62 8.70
CA VAL A 275 -2.06 -16.98 9.54
C VAL A 275 -1.73 -17.85 10.74
N ILE A 276 -2.74 -18.53 11.31
CA ILE A 276 -2.49 -19.35 12.50
C ILE A 276 -1.80 -20.66 12.14
N GLU A 277 -2.08 -21.22 10.97
CA GLU A 277 -1.41 -22.45 10.56
C GLU A 277 0.10 -22.27 10.53
N GLN A 278 0.57 -21.28 9.77
CA GLN A 278 2.00 -21.06 9.63
C GLN A 278 2.60 -20.43 10.88
N LEU A 279 2.00 -19.33 11.35
CA LEU A 279 2.55 -18.63 12.51
C LEU A 279 2.30 -19.42 13.79
N GLY A 280 1.15 -20.06 13.90
CA GLY A 280 0.75 -20.71 15.12
C GLY A 280 -0.37 -19.97 15.82
N THR A 281 -1.15 -20.72 16.59
CA THR A 281 -2.25 -20.13 17.33
C THR A 281 -1.73 -19.09 18.32
N PRO A 282 -2.38 -17.93 18.40
CA PRO A 282 -1.90 -16.88 19.30
C PRO A 282 -1.84 -17.33 20.75
N CYS A 283 -1.08 -16.57 21.54
CA CYS A 283 -0.94 -16.84 22.95
C CYS A 283 -2.19 -16.41 23.70
N PRO A 284 -2.33 -16.82 24.96
CA PRO A 284 -3.51 -16.41 25.74
C PRO A 284 -3.56 -14.91 25.96
N GLU A 285 -2.42 -14.27 26.22
CA GLU A 285 -2.41 -12.82 26.44
C GLU A 285 -3.03 -12.08 25.27
N PHE A 286 -2.74 -12.53 24.04
CA PHE A 286 -3.37 -11.95 22.86
C PHE A 286 -4.88 -12.18 22.88
N MET A 287 -5.33 -13.32 23.40
CA MET A 287 -6.76 -13.60 23.47
C MET A 287 -7.47 -12.64 24.42
N LYS A 288 -6.90 -12.47 25.61
CA LYS A 288 -7.47 -11.52 26.57
C LYS A 288 -7.64 -10.14 25.95
N LYS A 289 -6.76 -9.76 25.02
CA LYS A 289 -6.90 -8.47 24.36
C LYS A 289 -8.08 -8.46 23.40
N LEU A 290 -8.54 -9.63 22.98
CA LEU A 290 -9.63 -9.72 22.02
C LEU A 290 -10.97 -9.51 22.70
N GLN A 291 -11.88 -8.81 22.00
CA GLN A 291 -13.22 -8.64 22.51
C GLN A 291 -13.88 -10.01 22.68
N PRO A 292 -14.87 -10.12 23.56
CA PRO A 292 -15.43 -11.45 23.86
C PRO A 292 -16.02 -12.16 22.65
N THR A 293 -16.80 -11.46 21.83
CA THR A 293 -17.37 -12.10 20.65
C THR A 293 -16.28 -12.51 19.67
N VAL A 294 -15.26 -11.68 19.51
CA VAL A 294 -14.13 -12.05 18.66
C VAL A 294 -13.27 -13.10 19.35
N ARG A 295 -13.10 -13.00 20.67
CA ARG A 295 -12.26 -13.96 21.39
C ARG A 295 -12.83 -15.36 21.30
N ASN A 296 -14.16 -15.48 21.34
CA ASN A 296 -14.80 -16.79 21.25
C ASN A 296 -14.47 -17.47 19.92
N TYR A 297 -14.61 -16.73 18.80
CA TYR A 297 -14.28 -17.29 17.49
C TYR A 297 -12.85 -17.80 17.45
N VAL A 298 -11.89 -17.00 17.94
CA VAL A 298 -10.48 -17.38 17.84
C VAL A 298 -10.21 -18.65 18.65
N GLU A 299 -10.70 -18.69 19.90
CA GLU A 299 -10.47 -19.85 20.74
C GLU A 299 -11.19 -21.08 20.19
N ASN A 300 -12.26 -20.90 19.43
CA ASN A 300 -12.94 -22.04 18.80
C ASN A 300 -12.18 -22.54 17.58
N ARG A 301 -11.39 -21.68 16.94
CA ARG A 301 -10.53 -22.14 15.87
C ARG A 301 -9.65 -23.27 16.38
N PRO A 302 -9.47 -24.34 15.60
CA PRO A 302 -8.55 -25.40 16.03
C PRO A 302 -7.15 -24.85 16.26
N LYS A 303 -6.47 -25.39 17.27
CA LYS A 303 -5.16 -24.91 17.63
C LYS A 303 -4.09 -25.46 16.69
N TYR A 304 -3.18 -24.58 16.26
CA TYR A 304 -2.03 -24.95 15.44
C TYR A 304 -0.76 -24.62 16.19
N ALA A 305 0.19 -25.56 16.18
CA ALA A 305 1.49 -25.26 16.75
C ALA A 305 2.27 -24.27 15.90
N GLY A 306 1.99 -24.23 14.60
CA GLY A 306 2.64 -23.29 13.72
C GLY A 306 4.07 -23.66 13.39
N LEU A 307 4.45 -23.51 12.12
CA LEU A 307 5.79 -23.84 11.70
C LEU A 307 6.80 -22.89 12.34
N THR A 308 8.06 -23.32 12.34
CA THR A 308 9.14 -22.47 12.80
C THR A 308 9.63 -21.59 11.65
N PHE A 309 10.07 -20.38 12.00
CA PHE A 309 10.43 -19.41 10.97
C PHE A 309 11.50 -19.91 10.02
N PRO A 310 12.58 -20.57 10.47
CA PRO A 310 13.48 -21.23 9.51
C PRO A 310 12.77 -22.28 8.69
N LYS A 311 11.73 -22.92 9.26
CA LYS A 311 10.91 -23.86 8.51
C LYS A 311 9.92 -23.13 7.60
N LEU A 312 9.35 -22.02 8.09
CA LEU A 312 8.49 -21.20 7.23
C LEU A 312 9.25 -20.72 6.00
N PHE A 313 10.36 -20.03 6.22
CA PHE A 313 11.23 -19.55 5.14
C PHE A 313 12.52 -20.35 5.15
N PRO A 314 12.57 -21.47 4.42
CA PRO A 314 13.77 -22.32 4.46
C PRO A 314 15.02 -21.57 4.03
N ASP A 315 16.16 -22.10 4.47
CA ASP A 315 17.44 -21.54 4.06
C ASP A 315 17.61 -21.54 2.55
N SER A 316 16.97 -22.50 1.87
CA SER A 316 17.15 -22.62 0.42
C SER A 316 16.59 -21.41 -0.31
N LEU A 317 15.48 -20.85 0.17
CA LEU A 317 14.88 -19.70 -0.50
C LEU A 317 15.85 -18.53 -0.56
N PHE A 318 16.68 -18.37 0.45
CA PHE A 318 17.69 -17.34 0.52
C PHE A 318 18.98 -17.82 -0.15
N PRO A 319 19.75 -16.91 -0.77
CA PRO A 319 20.99 -17.33 -1.41
C PRO A 319 22.03 -17.76 -0.39
N ALA A 320 22.74 -18.84 -0.72
CA ALA A 320 23.82 -19.35 0.12
C ALA A 320 25.16 -19.36 -0.61
N ASP A 321 25.31 -18.51 -1.64
CA ASP A 321 26.52 -18.55 -2.45
C ASP A 321 27.73 -18.04 -1.67
N SER A 322 27.56 -17.00 -0.86
CA SER A 322 28.65 -16.34 -0.17
C SER A 322 28.42 -16.34 1.34
N GLU A 323 29.52 -16.16 2.07
CA GLU A 323 29.42 -15.99 3.51
C GLU A 323 28.57 -14.76 3.86
N HIS A 324 28.78 -13.66 3.15
CA HIS A 324 27.96 -12.48 3.34
C HIS A 324 26.49 -12.78 3.08
N ASN A 325 26.20 -13.59 2.06
CA ASN A 325 24.82 -13.95 1.77
C ASN A 325 24.27 -14.93 2.81
N LYS A 326 25.12 -15.81 3.34
CA LYS A 326 24.69 -16.66 4.44
C LYS A 326 24.34 -15.82 5.66
N LEU A 327 25.10 -14.77 5.92
CA LEU A 327 24.81 -13.88 7.03
C LEU A 327 23.56 -13.04 6.75
N LYS A 328 23.46 -12.50 5.53
CA LYS A 328 22.28 -11.73 5.16
C LYS A 328 21.00 -12.55 5.37
N ALA A 329 20.99 -13.80 4.89
CA ALA A 329 19.82 -14.65 5.10
C ALA A 329 19.55 -14.83 6.58
N SER A 330 20.59 -14.97 7.39
CA SER A 330 20.42 -15.02 8.84
C SER A 330 19.76 -13.74 9.35
N GLN A 331 20.24 -12.59 8.87
CA GLN A 331 19.66 -11.32 9.30
C GLN A 331 18.25 -11.15 8.73
N ALA A 332 18.01 -11.66 7.52
CA ALA A 332 16.68 -11.54 6.92
C ALA A 332 15.66 -12.38 7.66
N ARG A 333 15.94 -13.68 7.82
CA ARG A 333 15.02 -14.56 8.53
C ARG A 333 14.73 -14.04 9.93
N ASP A 334 15.70 -13.36 10.55
CA ASP A 334 15.48 -12.83 11.90
C ASP A 334 14.49 -11.68 11.87
N LEU A 335 14.63 -10.76 10.91
CA LEU A 335 13.70 -9.64 10.80
C LEU A 335 12.29 -10.13 10.49
N LEU A 336 12.17 -11.09 9.56
CA LEU A 336 10.86 -11.67 9.27
C LEU A 336 10.20 -12.19 10.55
N SER A 337 10.96 -12.89 11.39
CA SER A 337 10.39 -13.47 12.60
C SER A 337 9.84 -12.39 13.53
N LYS A 338 10.45 -11.21 13.53
CA LYS A 338 10.01 -10.14 14.43
C LYS A 338 8.83 -9.37 13.87
N MET A 339 8.75 -9.24 12.55
CA MET A 339 7.67 -8.47 11.94
C MET A 339 6.39 -9.30 11.81
N LEU A 340 6.52 -10.58 11.48
CA LEU A 340 5.36 -11.46 11.35
C LEU A 340 5.04 -12.04 12.73
N VAL A 341 4.46 -11.19 13.57
CA VAL A 341 4.06 -11.53 14.93
C VAL A 341 2.60 -11.14 15.08
N ILE A 342 1.76 -12.10 15.47
CA ILE A 342 0.32 -11.85 15.51
C ILE A 342 -0.03 -10.81 16.56
N ASP A 343 0.63 -10.84 17.70
CA ASP A 343 0.35 -9.87 18.75
C ASP A 343 1.12 -8.58 18.48
N PRO A 344 0.45 -7.43 18.40
CA PRO A 344 1.17 -6.17 18.14
C PRO A 344 2.15 -5.79 19.23
N ALA A 345 1.92 -6.23 20.47
CA ALA A 345 2.84 -5.90 21.55
C ALA A 345 4.17 -6.64 21.39
N LYS A 346 4.14 -7.83 20.79
CA LYS A 346 5.37 -8.54 20.48
C LYS A 346 5.98 -8.06 19.17
N ARG A 347 5.16 -7.51 18.27
CA ARG A 347 5.65 -7.06 16.98
C ARG A 347 6.69 -5.96 17.15
N ILE A 348 7.58 -5.85 16.18
CA ILE A 348 8.68 -4.89 16.24
C ILE A 348 8.18 -3.53 15.75
N SER A 349 8.76 -2.47 16.32
CA SER A 349 8.43 -1.13 15.88
C SER A 349 9.19 -0.79 14.60
N VAL A 350 8.64 0.18 13.86
CA VAL A 350 9.26 0.58 12.60
C VAL A 350 10.68 1.09 12.85
N ASP A 351 10.88 1.86 13.92
CA ASP A 351 12.21 2.36 14.22
C ASP A 351 13.18 1.23 14.51
N ASP A 352 12.76 0.27 15.34
CA ASP A 352 13.62 -0.87 15.63
C ASP A 352 13.90 -1.66 14.36
N ALA A 353 12.93 -1.75 13.45
CA ALA A 353 13.17 -2.39 12.16
C ALA A 353 14.15 -1.58 11.31
N LEU A 354 14.08 -0.25 11.40
CA LEU A 354 15.09 0.58 10.74
C LEU A 354 16.47 0.38 11.37
N GLN A 355 16.52 0.11 12.67
CA GLN A 355 17.77 -0.21 13.34
C GLN A 355 18.25 -1.63 13.04
N HIS A 356 17.35 -2.51 12.63
CA HIS A 356 17.70 -3.90 12.39
C HIS A 356 18.90 -3.97 11.42
N PRO A 357 19.84 -4.90 11.63
CA PRO A 357 21.02 -4.94 10.76
C PRO A 357 20.69 -5.08 9.28
N TYR A 358 19.72 -5.92 8.93
CA TYR A 358 19.34 -6.04 7.52
C TYR A 358 18.90 -4.70 6.96
N ILE A 359 18.13 -3.92 7.73
CA ILE A 359 17.64 -2.64 7.23
C ILE A 359 18.61 -1.51 7.52
N ASN A 360 19.48 -1.68 8.51
CA ASN A 360 20.26 -0.55 9.00
C ASN A 360 21.36 -0.12 8.03
N VAL A 361 21.89 -1.06 7.24
CA VAL A 361 23.03 -0.73 6.38
C VAL A 361 22.67 0.38 5.38
N TRP A 362 21.41 0.41 4.94
CA TRP A 362 21.02 1.41 3.94
C TRP A 362 20.78 2.78 4.55
N TYR A 363 20.52 2.87 5.84
CA TYR A 363 20.30 4.15 6.48
C TYR A 363 21.59 4.98 6.49
N ASP A 364 21.45 6.27 6.19
CA ASP A 364 22.59 7.19 6.25
C ASP A 364 22.20 8.40 7.09
N ARG A 383 -15.31 11.90 8.55
CA ARG A 383 -16.34 12.89 8.32
C ARG A 383 -17.41 12.38 7.35
N GLU A 384 -18.62 12.92 7.46
CA GLU A 384 -19.75 12.53 6.63
C GLU A 384 -20.43 13.78 6.06
N HIS A 385 -20.59 13.80 4.74
CA HIS A 385 -21.20 14.93 4.06
C HIS A 385 -22.16 14.41 2.99
N THR A 386 -23.06 15.29 2.57
CA THR A 386 -23.95 14.97 1.46
C THR A 386 -23.16 14.99 0.15
N ILE A 387 -23.61 14.18 -0.80
CA ILE A 387 -22.87 14.02 -2.06
C ILE A 387 -22.66 15.37 -2.73
N GLU A 388 -23.65 16.26 -2.64
CA GLU A 388 -23.46 17.61 -3.16
C GLU A 388 -22.42 18.37 -2.34
N GLU A 389 -22.40 18.16 -1.03
CA GLU A 389 -21.37 18.75 -0.19
C GLU A 389 -19.99 18.18 -0.54
N TRP A 390 -19.91 16.87 -0.73
CA TRP A 390 -18.63 16.26 -1.10
C TRP A 390 -18.10 16.83 -2.40
N LYS A 391 -18.98 16.96 -3.41
CA LYS A 391 -18.55 17.52 -4.69
C LYS A 391 -17.92 18.90 -4.50
N GLU A 392 -18.57 19.76 -3.71
CA GLU A 392 -18.01 21.09 -3.47
C GLU A 392 -16.68 21.00 -2.75
N LEU A 393 -16.56 20.10 -1.78
CA LEU A 393 -15.30 19.91 -1.08
C LEU A 393 -14.18 19.50 -2.03
N ILE A 394 -14.44 18.49 -2.86
CA ILE A 394 -13.45 18.02 -3.82
C ILE A 394 -13.12 19.12 -4.82
N TYR A 395 -14.15 19.85 -5.28
CA TYR A 395 -13.92 20.89 -6.27
C TYR A 395 -12.98 21.97 -5.73
N LYS A 396 -13.17 22.39 -4.48
CA LYS A 396 -12.29 23.38 -3.90
C LYS A 396 -10.87 22.85 -3.75
N GLU A 397 -10.71 21.54 -3.54
CA GLU A 397 -9.37 20.98 -3.51
C GLU A 397 -8.71 21.06 -4.88
N VAL A 398 -9.47 20.80 -5.94
CA VAL A 398 -8.92 20.88 -7.29
C VAL A 398 -8.47 22.31 -7.59
N MET A 399 -9.23 23.30 -7.14
CA MET A 399 -8.91 24.71 -7.35
C MET A 399 -8.91 25.40 -6.00
N ASN A 400 -7.72 25.71 -5.50
CA ASN A 400 -7.58 26.34 -4.19
C ASN A 400 -8.22 27.73 -4.16
C10 WNK B . 2.84 4.08 -11.95
C13 WNK B . 4.80 0.33 -16.11
C15 WNK B . 3.22 -0.41 -17.70
C17 WNK B . 4.73 1.34 -18.24
C20 WNK B . -0.59 4.07 -10.05
C21 WNK B . -1.51 4.90 -9.30
C11 WNK B . 1.54 3.68 -11.44
C12 WNK B . 0.77 4.48 -10.58
C14 WNK B . 3.74 -0.53 -16.38
C16 WNK B . 3.70 0.54 -18.65
C18 WNK B . 5.29 1.29 -17.02
C19 WNK B . -1.38 2.78 -10.13
C01 WNK B . -0.43 -1.16 -11.85
C02 WNK B . -0.31 -0.83 -10.54
C03 WNK B . -0.59 0.37 -9.96
C04 WNK B . -1.04 1.44 -10.77
C05 WNK B . -1.20 1.17 -12.14
C06 WNK B . -0.90 -0.12 -12.69
C07 WNK B . 1.36 5.74 -10.22
C08 WNK B . 2.65 6.08 -10.74
C25 WNK B . 4.30 1.95 -12.26
C26 WNK B . 3.31 0.72 -12.08
C27 WNK B . 2.41 0.53 -13.26
C30 WNK B . -3.86 4.62 -8.24
C31 WNK B . -4.47 3.42 -7.50
C32 WNK B . -3.47 5.72 -7.22
C33 WNK B . -4.90 5.16 -9.25
N09 WNK B . 3.37 5.28 -11.57
N22 WNK B . -2.65 4.14 -9.00
N23 WNK B . -2.56 2.91 -9.49
N24 WNK B . 3.57 3.17 -12.82
N28 WNK B . 2.30 -0.96 -13.85
O29 WNK B . 5.21 2.31 -19.17
O34 WNK B . 0.14 -1.85 -9.63
O36 WNK B . 4.27 -2.53 -14.78
O37 WNK B . 2.22 -2.53 -15.87
S35 WNK B . 3.16 -1.72 -15.19
H131 WNK B . 5.21 0.30 -15.28
H151 WNK B . 2.54 -0.97 -17.99
H211 WNK B . -1.45 5.79 -9.01
H111 WNK B . 1.21 2.85 -11.71
H161 WNK B . 3.32 0.59 -19.50
H181 WNK B . 5.99 1.86 -16.77
H011 WNK B . -0.24 -1.99 -12.22
H031 WNK B . -0.49 0.51 -9.04
H051 WNK B . -1.52 1.80 -12.73
H061 WNK B . -1.00 -0.29 -13.59
H071 WNK B . 0.96 6.36 -9.66
H081 WNK B . 3.06 6.89 -10.53
H252 WNK B . 5.03 1.66 -12.83
H251 WNK B . 4.71 2.13 -11.40
H261 WNK B . 2.80 0.82 -11.25
H262 WNK B . 3.82 -0.09 -11.89
H272 WNK B . 2.71 1.16 -13.94
H271 WNK B . 1.54 0.86 -13.00
H311 WNK B . -3.82 2.92 -6.98
H313 WNK B . -4.88 2.77 -8.10
H312 WNK B . -5.17 3.67 -6.87
H322 WNK B . -2.79 5.45 -6.59
H323 WNK B . -4.21 6.03 -6.66
H321 WNK B . -3.13 6.53 -7.62
H332 WNK B . -5.34 4.46 -9.77
H331 WNK B . -4.53 5.77 -9.90
H333 WNK B . -5.63 5.64 -8.83
H241 WNK B . 3.62 3.27 -13.67
H281 WNK B . 1.72 -1.36 -13.37
H291 WNK B . 4.90 3.08 -18.92
H341 WNK B . -0.36 -1.86 -8.95
#